data_8DGL
#
_entry.id   8DGL
#
_cell.length_a   35.251
_cell.length_b   119.204
_cell.length_c   123.397
_cell.angle_alpha   90.000
_cell.angle_beta   90.000
_cell.angle_gamma   90.000
#
_symmetry.space_group_name_H-M   'P 21 21 21'
#
loop_
_entity.id
_entity.type
_entity.pdbx_description
1 polymer 'Recombination Directionality Factor RdfS'
2 non-polymer 'CHLORIDE ION'
3 non-polymer GLYCEROL
4 water water
#
_entity_poly.entity_id   1
_entity_poly.type   'polypeptide(L)'
_entity_poly.pdbx_seq_one_letter_code
;GAMDDENDRAARAKKGSPFLNTAQAAFYIGLSQRTLEKMRLTGGGPKYRKHGRYVRYHIDELDDWSKGRPPEPGSDDDKG
GSGSADEGARS
;
_entity_poly.pdbx_strand_id   A,B,C,D
#
loop_
_chem_comp.id
_chem_comp.type
_chem_comp.name
_chem_comp.formula
CL non-polymer 'CHLORIDE ION' 'Cl -1'
GOL non-polymer GLYCEROL 'C3 H8 O3'
#
# COMPACT_ATOMS: atom_id res chain seq x y z
N MET A 3 5.80 14.56 -8.12
CA MET A 3 4.77 14.70 -7.09
C MET A 3 3.80 13.49 -7.06
N ASP A 4 3.66 12.81 -8.19
CA ASP A 4 2.77 11.66 -8.28
C ASP A 4 3.26 10.52 -7.40
N ASP A 5 2.35 9.92 -6.63
CA ASP A 5 2.66 8.70 -5.92
C ASP A 5 1.87 7.52 -6.50
N GLU A 6 1.99 6.37 -5.85
CA GLU A 6 1.32 5.16 -6.34
C GLU A 6 -0.20 5.33 -6.42
N ASN A 7 -0.80 6.11 -5.52
CA ASN A 7 -2.24 6.33 -5.59
C ASN A 7 -2.63 7.14 -6.83
N ASP A 8 -1.83 8.15 -7.17
CA ASP A 8 -2.09 8.92 -8.38
C ASP A 8 -1.95 8.05 -9.63
N ARG A 9 -0.93 7.21 -9.67
CA ARG A 9 -0.71 6.40 -10.85
C ARG A 9 -1.84 5.40 -11.05
N ALA A 10 -2.33 4.81 -9.95
CA ALA A 10 -3.44 3.88 -10.07
C ALA A 10 -4.71 4.62 -10.47
N ALA A 11 -4.95 5.80 -9.90
CA ALA A 11 -6.15 6.55 -10.25
C ALA A 11 -6.17 6.90 -11.73
N ARG A 12 -5.04 7.36 -12.28
CA ARG A 12 -4.93 7.63 -13.71
C ARG A 12 -5.12 6.36 -14.52
N ALA A 13 -4.48 5.26 -14.10
CA ALA A 13 -4.59 4.02 -14.84
C ALA A 13 -6.02 3.56 -14.92
N LYS A 14 -6.82 3.88 -13.90
CA LYS A 14 -8.21 3.50 -13.88
C LYS A 14 -9.07 4.32 -14.85
N LYS A 15 -8.52 5.40 -15.42
CA LYS A 15 -9.30 6.27 -16.30
C LYS A 15 -9.00 6.07 -17.79
N GLY A 16 -8.00 5.27 -18.14
CA GLY A 16 -7.70 5.06 -19.55
C GLY A 16 -6.41 4.29 -19.72
N SER A 17 -5.85 4.37 -20.92
CA SER A 17 -4.71 3.55 -21.26
C SER A 17 -3.75 4.35 -22.13
N PRO A 18 -2.45 4.24 -21.87
CA PRO A 18 -1.43 4.90 -22.71
C PRO A 18 -0.90 4.04 -23.84
N PHE A 19 -1.44 2.84 -24.01
CA PHE A 19 -0.85 1.83 -24.88
C PHE A 19 -1.64 1.74 -26.20
N LEU A 20 -0.91 1.56 -27.29
CA LEU A 20 -1.45 1.33 -28.61
C LEU A 20 -0.96 -0.03 -29.09
N ASN A 21 -1.79 -0.73 -29.87
CA ASN A 21 -1.31 -1.89 -30.58
C ASN A 21 -0.61 -1.46 -31.88
N THR A 22 -0.05 -2.45 -32.59
CA THR A 22 0.81 -2.16 -33.73
C THR A 22 0.05 -1.42 -34.81
N ALA A 23 -1.20 -1.82 -35.05
CA ALA A 23 -2.03 -1.16 -36.05
C ALA A 23 -2.27 0.30 -35.70
N GLN A 24 -2.69 0.58 -34.48
CA GLN A 24 -2.91 1.96 -34.04
C GLN A 24 -1.60 2.75 -34.09
N ALA A 25 -0.53 2.18 -33.58
CA ALA A 25 0.74 2.89 -33.57
C ALA A 25 1.17 3.23 -35.00
N ALA A 26 1.00 2.28 -35.92
CA ALA A 26 1.38 2.50 -37.31
C ALA A 26 0.58 3.64 -37.91
N PHE A 27 -0.75 3.53 -37.83
CA PHE A 27 -1.60 4.58 -38.36
C PHE A 27 -1.22 5.95 -37.80
N TYR A 28 -0.87 5.98 -36.52
CA TYR A 28 -0.56 7.25 -35.88
C TYR A 28 0.74 7.84 -36.42
N ILE A 29 1.76 7.00 -36.64
CA ILE A 29 3.03 7.51 -37.15
C ILE A 29 3.04 7.58 -38.68
N GLY A 30 1.94 7.27 -39.33
CA GLY A 30 1.86 7.34 -40.78
C GLY A 30 2.57 6.23 -41.53
N LEU A 31 2.58 5.01 -41.00
CA LEU A 31 3.23 3.89 -41.65
C LEU A 31 2.23 2.76 -41.80
N SER A 32 2.50 1.84 -42.72
CA SER A 32 1.70 0.64 -42.77
C SER A 32 1.96 -0.20 -41.53
N GLN A 33 0.96 -1.01 -41.16
CA GLN A 33 1.16 -1.94 -40.05
C GLN A 33 2.32 -2.88 -40.33
N ARG A 34 2.38 -3.42 -41.55
CA ARG A 34 3.48 -4.29 -41.95
C ARG A 34 4.82 -3.61 -41.76
N THR A 35 4.94 -2.35 -42.22
CA THR A 35 6.22 -1.65 -42.08
C THR A 35 6.65 -1.61 -40.62
N LEU A 36 5.74 -1.24 -39.73
CA LEU A 36 6.12 -1.10 -38.33
C LEU A 36 6.57 -2.44 -37.75
N GLU A 37 5.93 -3.53 -38.18
CA GLU A 37 6.33 -4.85 -37.67
C GLU A 37 7.74 -5.20 -38.08
N LYS A 38 8.08 -4.99 -39.36
CA LYS A 38 9.43 -5.34 -39.82
C LYS A 38 10.49 -4.54 -39.08
N MET A 39 10.20 -3.28 -38.79
CA MET A 39 11.18 -2.48 -38.01
C MET A 39 11.39 -3.15 -36.65
N ARG A 40 10.31 -3.63 -36.04
CA ARG A 40 10.44 -4.33 -34.78
C ARG A 40 11.23 -5.62 -34.97
N LEU A 41 10.86 -6.43 -35.96
CA LEU A 41 11.48 -7.73 -36.14
C LEU A 41 12.96 -7.62 -36.48
N THR A 42 13.37 -6.54 -37.15
CA THR A 42 14.78 -6.30 -37.43
C THR A 42 15.49 -5.52 -36.34
N GLY A 43 14.87 -5.35 -35.17
CA GLY A 43 15.56 -4.70 -34.08
C GLY A 43 15.64 -3.19 -34.15
N GLY A 44 14.75 -2.56 -34.91
CA GLY A 44 14.68 -1.11 -35.02
C GLY A 44 13.31 -0.61 -34.64
N GLY A 45 12.96 0.62 -35.06
CA GLY A 45 11.70 1.25 -34.71
C GLY A 45 11.61 1.71 -33.26
N PRO A 46 10.42 2.08 -32.84
CA PRO A 46 10.24 2.58 -31.46
C PRO A 46 10.29 1.46 -30.42
N LYS A 47 10.66 1.82 -29.19
CA LYS A 47 10.57 0.89 -28.07
C LYS A 47 9.15 0.39 -27.90
N TYR A 48 9.01 -0.86 -27.47
CA TYR A 48 7.68 -1.42 -27.30
C TYR A 48 7.64 -2.24 -26.01
N ARG A 49 6.45 -2.72 -25.68
CA ARG A 49 6.26 -3.56 -24.51
C ARG A 49 5.71 -4.90 -24.96
N LYS A 50 6.22 -5.98 -24.35
CA LYS A 50 5.66 -7.32 -24.50
C LYS A 50 4.62 -7.49 -23.42
N HIS A 51 3.34 -7.50 -23.81
CA HIS A 51 2.28 -7.76 -22.86
C HIS A 51 1.81 -9.18 -23.12
N GLY A 52 2.56 -10.13 -22.58
CA GLY A 52 2.35 -11.52 -22.92
C GLY A 52 2.74 -11.77 -24.35
N ARG A 53 1.79 -12.28 -25.14
CA ARG A 53 2.00 -12.52 -26.56
C ARG A 53 1.74 -11.30 -27.41
N TYR A 54 1.46 -10.15 -26.80
CA TYR A 54 0.90 -9.01 -27.51
C TYR A 54 1.82 -7.81 -27.39
N VAL A 55 2.26 -7.29 -28.54
CA VAL A 55 3.09 -6.10 -28.55
C VAL A 55 2.22 -4.88 -28.30
N ARG A 56 2.68 -4.01 -27.42
CA ARG A 56 2.00 -2.76 -27.14
C ARG A 56 3.01 -1.61 -27.17
N TYR A 57 2.53 -0.45 -27.59
CA TYR A 57 3.37 0.74 -27.75
C TYR A 57 2.85 1.83 -26.81
N HIS A 58 3.72 2.32 -25.95
CA HIS A 58 3.40 3.48 -25.12
C HIS A 58 3.49 4.77 -25.94
N ILE A 59 2.41 5.56 -25.93
CA ILE A 59 2.32 6.75 -26.78
C ILE A 59 3.54 7.67 -26.61
N ASP A 60 4.02 7.84 -25.37
CA ASP A 60 5.14 8.75 -25.15
C ASP A 60 6.44 8.16 -25.67
N GLU A 61 6.55 6.83 -25.69
CA GLU A 61 7.74 6.23 -26.29
C GLU A 61 7.68 6.32 -27.81
N LEU A 62 6.46 6.24 -28.37
CA LEU A 62 6.25 6.50 -29.79
C LEU A 62 6.75 7.90 -30.15
N ASP A 63 6.30 8.91 -29.41
CA ASP A 63 6.68 10.28 -29.72
C ASP A 63 8.17 10.52 -29.51
N ASP A 64 8.76 9.93 -28.45
CA ASP A 64 10.20 10.04 -28.21
C ASP A 64 10.98 9.57 -29.43
N TRP A 65 10.56 8.42 -29.96
CA TRP A 65 11.27 7.83 -31.12
C TRP A 65 11.10 8.71 -32.36
N SER A 66 9.89 9.23 -32.57
CA SER A 66 9.66 10.09 -33.74
C SER A 66 10.50 11.36 -33.67
N LYS A 67 10.56 12.00 -32.50
CA LYS A 67 11.30 13.23 -32.34
C LYS A 67 12.81 13.03 -32.28
N GLY A 68 13.30 11.80 -32.44
CA GLY A 68 14.71 11.51 -32.30
C GLY A 68 15.34 11.98 -30.99
N ARG A 69 14.54 12.00 -29.92
CA ARG A 69 15.01 12.47 -28.61
C ARG A 69 14.10 11.95 -27.49
N ALA B 2 13.85 10.87 4.39
CA ALA B 2 13.14 10.63 3.13
C ALA B 2 12.57 9.20 3.05
N MET B 3 13.29 8.22 3.60
CA MET B 3 12.76 6.86 3.64
C MET B 3 11.49 6.83 4.48
N ASP B 4 10.39 6.41 3.86
CA ASP B 4 9.07 6.50 4.52
C ASP B 4 8.91 5.50 5.67
N ASP B 5 8.33 5.95 6.77
CA ASP B 5 8.04 5.06 7.90
C ASP B 5 6.56 4.66 7.87
N GLU B 6 6.17 3.85 8.87
CA GLU B 6 4.80 3.37 8.96
C GLU B 6 3.79 4.51 9.04
N ASN B 7 4.13 5.62 9.69
CA ASN B 7 3.20 6.75 9.69
C ASN B 7 2.99 7.27 8.27
N ASP B 8 4.07 7.35 7.49
CA ASP B 8 3.99 7.86 6.13
C ASP B 8 3.14 6.94 5.27
N ARG B 9 3.39 5.64 5.36
CA ARG B 9 2.65 4.67 4.57
C ARG B 9 1.17 4.71 4.91
N ALA B 10 0.84 4.71 6.20
CA ALA B 10 -0.57 4.78 6.61
C ALA B 10 -1.21 6.07 6.15
N ALA B 11 -0.47 7.17 6.19
CA ALA B 11 -1.07 8.44 5.80
C ALA B 11 -1.38 8.46 4.30
N ARG B 12 -0.52 7.87 3.47
CA ARG B 12 -0.83 7.77 2.02
C ARG B 12 -1.99 6.80 1.79
N ALA B 13 -2.01 5.68 2.51
CA ALA B 13 -3.08 4.71 2.30
C ALA B 13 -4.45 5.29 2.61
N LYS B 14 -4.52 6.28 3.50
CA LYS B 14 -5.80 6.87 3.82
C LYS B 14 -6.31 7.78 2.71
N LYS B 15 -5.47 8.11 1.74
CA LYS B 15 -5.79 9.06 0.67
C LYS B 15 -6.08 8.40 -0.68
N GLY B 16 -5.84 7.11 -0.85
CA GLY B 16 -6.09 6.48 -2.12
C GLY B 16 -5.83 4.98 -2.10
N SER B 17 -5.68 4.40 -3.28
CA SER B 17 -5.41 2.97 -3.38
C SER B 17 -4.50 2.77 -4.57
N PRO B 18 -3.48 1.92 -4.46
CA PRO B 18 -2.64 1.59 -5.62
C PRO B 18 -3.08 0.36 -6.39
N PHE B 19 -4.22 -0.23 -6.04
CA PHE B 19 -4.63 -1.54 -6.55
C PHE B 19 -5.72 -1.40 -7.59
N LEU B 20 -5.68 -2.31 -8.58
CA LEU B 20 -6.65 -2.38 -9.65
C LEU B 20 -7.25 -3.78 -9.65
N ASN B 21 -8.52 -3.89 -10.05
CA ASN B 21 -9.08 -5.23 -10.26
C ASN B 21 -8.70 -5.71 -11.65
N THR B 22 -9.05 -6.95 -11.98
CA THR B 22 -8.65 -7.52 -13.26
C THR B 22 -9.16 -6.68 -14.42
N ALA B 23 -10.42 -6.25 -14.35
CA ALA B 23 -11.04 -5.50 -15.42
C ALA B 23 -10.30 -4.18 -15.65
N GLN B 24 -9.97 -3.47 -14.58
CA GLN B 24 -9.24 -2.22 -14.74
C GLN B 24 -7.81 -2.47 -15.23
N ALA B 25 -7.15 -3.49 -14.66
CA ALA B 25 -5.78 -3.79 -15.04
C ALA B 25 -5.70 -4.20 -16.51
N ALA B 26 -6.70 -4.96 -16.98
CA ALA B 26 -6.71 -5.36 -18.38
C ALA B 26 -6.90 -4.16 -19.28
N PHE B 27 -7.85 -3.28 -18.92
CA PHE B 27 -8.04 -2.08 -19.70
C PHE B 27 -6.76 -1.26 -19.78
N TYR B 28 -6.11 -1.06 -18.64
CA TYR B 28 -4.94 -0.19 -18.61
C TYR B 28 -3.84 -0.74 -19.50
N ILE B 29 -3.63 -2.06 -19.48
CA ILE B 29 -2.54 -2.64 -20.24
C ILE B 29 -2.92 -2.95 -21.67
N GLY B 30 -4.18 -2.71 -22.07
CA GLY B 30 -4.61 -2.98 -23.43
C GLY B 30 -4.84 -4.43 -23.76
N LEU B 31 -5.30 -5.23 -22.82
CA LEU B 31 -5.67 -6.62 -23.09
C LEU B 31 -7.11 -6.87 -22.67
N SER B 32 -7.67 -7.97 -23.15
CA SER B 32 -8.99 -8.36 -22.64
C SER B 32 -8.86 -8.94 -21.23
N GLN B 33 -9.95 -8.85 -20.48
CA GLN B 33 -9.99 -9.41 -19.14
C GLN B 33 -9.69 -10.91 -19.15
N ARG B 34 -10.23 -11.64 -20.13
CA ARG B 34 -9.98 -13.08 -20.20
C ARG B 34 -8.51 -13.36 -20.43
N THR B 35 -7.85 -12.56 -21.27
CA THR B 35 -6.44 -12.77 -21.53
C THR B 35 -5.63 -12.62 -20.25
N LEU B 36 -5.92 -11.58 -19.48
CA LEU B 36 -5.20 -11.36 -18.24
C LEU B 36 -5.46 -12.49 -17.24
N GLU B 37 -6.73 -12.87 -17.06
CA GLU B 37 -7.09 -14.03 -16.23
C GLU B 37 -6.35 -15.29 -16.67
N LYS B 38 -6.32 -15.55 -17.97
CA LYS B 38 -5.69 -16.76 -18.45
C LYS B 38 -4.21 -16.77 -18.09
N MET B 39 -3.56 -15.61 -18.07
CA MET B 39 -2.15 -15.59 -17.71
C MET B 39 -1.92 -16.00 -16.26
N ARG B 40 -2.93 -15.87 -15.39
CA ARG B 40 -2.75 -16.37 -14.04
C ARG B 40 -2.60 -17.89 -14.05
N LEU B 41 -3.14 -18.56 -15.05
CA LEU B 41 -3.01 -20.00 -15.23
C LEU B 41 -1.76 -20.38 -16.00
N THR B 42 -1.46 -19.67 -17.09
CA THR B 42 -0.33 -20.04 -17.93
C THR B 42 1.00 -19.52 -17.39
N GLY B 43 0.99 -18.52 -16.52
CA GLY B 43 2.19 -17.78 -16.20
C GLY B 43 2.50 -16.77 -17.30
N GLY B 44 3.45 -15.88 -17.00
CA GLY B 44 3.85 -14.85 -17.93
C GLY B 44 3.15 -13.50 -17.81
N GLY B 45 2.19 -13.36 -16.91
CA GLY B 45 1.62 -12.07 -16.64
C GLY B 45 2.24 -11.40 -15.43
N PRO B 46 1.70 -10.26 -15.03
CA PRO B 46 2.29 -9.51 -13.92
C PRO B 46 1.97 -10.12 -12.55
N LYS B 47 2.82 -9.77 -11.57
CA LYS B 47 2.54 -10.09 -10.18
C LYS B 47 1.16 -9.57 -9.81
N TYR B 48 0.44 -10.33 -8.98
CA TYR B 48 -0.82 -9.85 -8.44
C TYR B 48 -0.90 -10.20 -6.96
N ARG B 49 -1.84 -9.58 -6.26
CA ARG B 49 -2.10 -9.89 -4.87
C ARG B 49 -3.40 -10.67 -4.78
N LYS B 50 -3.46 -11.56 -3.80
CA LYS B 50 -4.72 -12.20 -3.41
C LYS B 50 -5.21 -11.51 -2.16
N HIS B 51 -6.29 -10.75 -2.28
CA HIS B 51 -6.91 -10.12 -1.12
C HIS B 51 -8.12 -10.98 -0.76
N GLY B 52 -7.86 -12.04 0.00
CA GLY B 52 -8.86 -13.06 0.15
C GLY B 52 -9.05 -13.75 -1.17
N ARG B 53 -10.29 -13.77 -1.66
CA ARG B 53 -10.60 -14.47 -2.91
C ARG B 53 -10.53 -13.49 -4.08
N TYR B 54 -10.25 -12.23 -3.79
CA TYR B 54 -10.28 -11.20 -4.82
C TYR B 54 -8.87 -10.87 -5.28
N VAL B 55 -8.66 -10.93 -6.59
CA VAL B 55 -7.37 -10.63 -7.20
C VAL B 55 -7.22 -9.14 -7.38
N ARG B 56 -6.08 -8.59 -6.95
CA ARG B 56 -5.78 -7.18 -7.16
C ARG B 56 -4.37 -7.00 -7.72
N TYR B 57 -4.19 -5.95 -8.53
CA TYR B 57 -2.91 -5.63 -9.18
C TYR B 57 -2.41 -4.28 -8.70
N HIS B 58 -1.20 -4.27 -8.13
CA HIS B 58 -0.52 -3.03 -7.82
C HIS B 58 -0.03 -2.33 -9.09
N ILE B 59 -0.35 -1.04 -9.23
CA ILE B 59 -0.06 -0.34 -10.47
C ILE B 59 1.43 -0.37 -10.79
N ASP B 60 2.30 -0.30 -9.77
CA ASP B 60 3.74 -0.32 -10.05
C ASP B 60 4.26 -1.71 -10.36
N GLU B 61 3.60 -2.78 -9.89
CA GLU B 61 3.99 -4.09 -10.37
C GLU B 61 3.46 -4.35 -11.77
N LEU B 62 2.36 -3.67 -12.15
CA LEU B 62 1.89 -3.68 -13.53
C LEU B 62 2.90 -3.00 -14.45
N ASP B 63 3.37 -1.82 -14.06
CA ASP B 63 4.33 -1.09 -14.87
C ASP B 63 5.64 -1.86 -15.00
N ASP B 64 6.10 -2.47 -13.88
CA ASP B 64 7.26 -3.38 -13.90
C ASP B 64 7.14 -4.43 -14.98
N TRP B 65 6.00 -5.12 -15.01
CA TRP B 65 5.80 -6.22 -15.93
C TRP B 65 5.81 -5.71 -17.37
N SER B 66 5.11 -4.62 -17.62
CA SER B 66 5.09 -3.97 -18.92
C SER B 66 6.49 -3.58 -19.37
N LYS B 67 7.29 -3.03 -18.48
CA LYS B 67 8.62 -2.58 -18.84
C LYS B 67 9.65 -3.72 -18.88
N GLY B 68 9.27 -4.94 -18.52
CA GLY B 68 10.20 -6.04 -18.54
C GLY B 68 11.26 -6.02 -17.46
N ARG B 69 10.93 -5.52 -16.26
CA ARG B 69 11.84 -5.61 -15.12
C ARG B 69 11.84 -7.02 -14.55
N PRO B 70 13.02 -7.60 -14.29
CA PRO B 70 13.17 -8.98 -13.79
C PRO B 70 12.60 -9.21 -12.38
CA MET C 3 18.20 -0.35 15.41
C MET C 3 17.24 0.69 16.02
N ASP C 4 16.15 0.21 16.61
CA ASP C 4 15.10 1.04 17.17
C ASP C 4 14.88 0.71 18.64
N ASP C 5 14.92 1.72 19.51
CA ASP C 5 14.58 1.52 20.91
C ASP C 5 13.29 2.25 21.25
N GLU C 6 12.88 2.09 22.52
CA GLU C 6 11.63 2.67 23.00
C GLU C 6 11.57 4.18 22.76
N ASN C 7 12.72 4.86 22.75
CA ASN C 7 12.71 6.31 22.55
C ASN C 7 12.36 6.68 21.11
N ASP C 8 12.89 5.93 20.14
CA ASP C 8 12.52 6.16 18.74
C ASP C 8 11.06 5.82 18.51
N ARG C 9 10.60 4.69 19.06
CA ARG C 9 9.21 4.32 18.91
C ARG C 9 8.29 5.40 19.44
N ALA C 10 8.61 5.94 20.63
CA ALA C 10 7.76 6.98 21.20
C ALA C 10 7.78 8.24 20.35
N ALA C 11 8.98 8.61 19.86
CA ALA C 11 9.12 9.81 19.05
C ALA C 11 8.37 9.69 17.72
N ARG C 12 8.43 8.52 17.09
CA ARG C 12 7.65 8.29 15.89
C ARG C 12 6.15 8.28 16.21
N ALA C 13 5.77 7.69 17.34
CA ALA C 13 4.35 7.61 17.70
C ALA C 13 3.77 8.98 17.95
N LYS C 14 4.60 9.92 18.39
CA LYS C 14 4.12 11.29 18.58
C LYS C 14 4.00 12.05 17.27
N LYS C 15 4.51 11.50 16.17
CA LYS C 15 4.51 12.25 14.92
C LYS C 15 3.38 11.86 13.97
N GLY C 16 2.70 10.74 14.24
CA GLY C 16 1.58 10.34 13.41
C GLY C 16 1.09 8.97 13.82
N SER C 17 0.19 8.42 13.01
CA SER C 17 -0.38 7.13 13.36
C SER C 17 -0.26 6.15 12.21
N PRO C 18 -0.01 4.88 12.51
CA PRO C 18 -0.01 3.82 11.47
C PRO C 18 -1.33 3.06 11.32
N PHE C 19 -2.39 3.44 12.01
CA PHE C 19 -3.60 2.63 12.01
C PHE C 19 -4.66 3.26 11.13
N LEU C 20 -5.40 2.40 10.42
CA LEU C 20 -6.56 2.79 9.63
C LEU C 20 -7.81 2.17 10.25
N ASN C 21 -8.95 2.84 10.06
CA ASN C 21 -10.21 2.19 10.39
C ASN C 21 -10.62 1.25 9.24
N THR C 22 -11.79 0.63 9.40
CA THR C 22 -12.23 -0.36 8.43
C THR C 22 -12.55 0.28 7.08
N ALA C 23 -13.24 1.41 7.08
CA ALA C 23 -13.53 2.10 5.83
C ALA C 23 -12.25 2.46 5.09
N GLN C 24 -11.21 2.86 5.83
CA GLN C 24 -9.97 3.24 5.18
C GLN C 24 -9.18 2.03 4.70
N ALA C 25 -9.12 0.97 5.52
CA ALA C 25 -8.41 -0.23 5.11
C ALA C 25 -9.04 -0.82 3.86
N ALA C 26 -10.37 -0.87 3.81
CA ALA C 26 -11.07 -1.47 2.67
C ALA C 26 -10.80 -0.67 1.41
N PHE C 27 -10.90 0.66 1.50
CA PHE C 27 -10.65 1.47 0.32
C PHE C 27 -9.22 1.29 -0.18
N TYR C 28 -8.25 1.29 0.73
CA TYR C 28 -6.85 1.18 0.34
C TYR C 28 -6.56 -0.17 -0.34
N ILE C 29 -7.13 -1.25 0.18
CA ILE C 29 -6.87 -2.57 -0.38
C ILE C 29 -7.81 -2.90 -1.53
N GLY C 30 -8.76 -2.02 -1.82
CA GLY C 30 -9.70 -2.23 -2.92
C GLY C 30 -10.77 -3.28 -2.72
N LEU C 31 -11.37 -3.34 -1.53
CA LEU C 31 -12.48 -4.23 -1.23
C LEU C 31 -13.66 -3.46 -0.66
N SER C 32 -14.81 -4.11 -0.69
CA SER C 32 -16.01 -3.53 -0.07
C SER C 32 -15.81 -3.53 1.44
N GLN C 33 -16.13 -2.43 2.08
CA GLN C 33 -16.09 -2.39 3.53
C GLN C 33 -16.74 -3.63 4.13
N ARG C 34 -17.88 -4.03 3.57
CA ARG C 34 -18.61 -5.20 4.13
C ARG C 34 -17.79 -6.47 3.90
N THR C 35 -17.10 -6.55 2.77
CA THR C 35 -16.28 -7.75 2.49
C THR C 35 -15.19 -7.84 3.55
N LEU C 36 -14.58 -6.70 3.89
CA LEU C 36 -13.55 -6.70 4.91
C LEU C 36 -14.11 -7.11 6.26
N GLU C 37 -15.24 -6.50 6.67
CA GLU C 37 -15.84 -6.87 7.95
C GLU C 37 -16.17 -8.35 7.97
N LYS C 38 -16.77 -8.85 6.89
CA LYS C 38 -17.07 -10.27 6.87
C LYS C 38 -15.81 -11.11 6.96
N MET C 39 -14.66 -10.57 6.56
CA MET C 39 -13.42 -11.33 6.68
C MET C 39 -12.99 -11.47 8.13
N ARG C 40 -13.31 -10.49 8.98
CA ARG C 40 -12.99 -10.62 10.40
C ARG C 40 -13.65 -11.87 10.98
N LEU C 41 -14.93 -12.07 10.67
CA LEU C 41 -15.73 -13.11 11.32
C LEU C 41 -15.35 -14.50 10.83
N THR C 42 -15.12 -14.66 9.54
CA THR C 42 -14.74 -15.96 8.98
C THR C 42 -13.24 -16.15 8.86
N GLY C 43 -12.43 -15.14 9.19
CA GLY C 43 -11.00 -15.23 8.95
C GLY C 43 -10.66 -15.01 7.48
N GLY C 44 -9.42 -15.32 7.15
CA GLY C 44 -8.92 -15.16 5.79
C GLY C 44 -8.44 -13.77 5.44
N GLY C 45 -8.86 -12.75 6.19
CA GLY C 45 -8.47 -11.39 5.94
C GLY C 45 -7.24 -11.01 6.73
N PRO C 46 -6.91 -9.73 6.76
CA PRO C 46 -5.68 -9.30 7.43
C PRO C 46 -5.84 -9.19 8.94
N LYS C 47 -4.72 -9.33 9.63
CA LYS C 47 -4.65 -9.11 11.07
C LYS C 47 -5.23 -7.74 11.41
N TYR C 48 -6.06 -7.69 12.45
CA TYR C 48 -6.54 -6.42 12.97
C TYR C 48 -6.10 -6.25 14.42
N ARG C 49 -6.41 -5.07 14.94
CA ARG C 49 -6.20 -4.75 16.35
C ARG C 49 -7.55 -4.34 16.93
N LYS C 50 -7.85 -4.84 18.12
CA LYS C 50 -9.01 -4.38 18.86
C LYS C 50 -8.55 -3.27 19.79
N HIS C 51 -8.91 -2.03 19.46
CA HIS C 51 -8.61 -0.90 20.30
C HIS C 51 -9.82 -0.62 21.18
N GLY C 52 -10.09 -1.59 22.04
CA GLY C 52 -11.27 -1.60 22.87
C GLY C 52 -12.49 -1.84 22.03
N ARG C 53 -13.37 -0.83 21.94
CA ARG C 53 -14.55 -0.95 21.10
C ARG C 53 -14.17 -0.98 19.62
N TYR C 54 -13.29 -0.07 19.21
CA TYR C 54 -13.04 0.21 17.80
C TYR C 54 -12.10 -0.82 17.19
N VAL C 55 -12.28 -1.06 15.89
CA VAL C 55 -11.37 -1.93 15.15
C VAL C 55 -10.40 -1.05 14.39
N ARG C 56 -9.13 -1.45 14.38
CA ARG C 56 -8.07 -0.70 13.72
C ARG C 56 -7.16 -1.66 12.99
N TYR C 57 -6.68 -1.23 11.82
CA TYR C 57 -5.75 -1.99 11.00
C TYR C 57 -4.42 -1.25 10.91
N HIS C 58 -3.32 -1.96 11.18
CA HIS C 58 -1.98 -1.41 11.05
C HIS C 58 -1.50 -1.55 9.60
N ILE C 59 -1.07 -0.42 9.02
CA ILE C 59 -0.81 -0.38 7.57
C ILE C 59 0.16 -1.48 7.14
N ASP C 60 1.15 -1.78 7.98
CA ASP C 60 2.12 -2.81 7.61
C ASP C 60 1.55 -4.22 7.76
N GLU C 61 0.47 -4.39 8.50
CA GLU C 61 -0.16 -5.71 8.51
C GLU C 61 -1.07 -5.89 7.30
N LEU C 62 -1.75 -4.81 6.87
CA LEU C 62 -2.44 -4.82 5.58
C LEU C 62 -1.49 -5.22 4.45
N ASP C 63 -0.32 -4.55 4.38
CA ASP C 63 0.58 -4.80 3.27
C ASP C 63 1.13 -6.23 3.32
N ASP C 64 1.40 -6.74 4.53
CA ASP C 64 1.89 -8.11 4.66
C ASP C 64 0.88 -9.10 4.13
N TRP C 65 -0.37 -8.96 4.58
CA TRP C 65 -1.46 -9.81 4.12
C TRP C 65 -1.60 -9.76 2.60
N SER C 66 -1.56 -8.55 2.03
CA SER C 66 -1.66 -8.40 0.58
C SER C 66 -0.58 -9.18 -0.15
N LYS C 67 0.66 -9.13 0.35
CA LYS C 67 1.78 -9.77 -0.32
C LYS C 67 1.90 -11.26 0.00
N GLY C 68 1.07 -11.78 0.90
CA GLY C 68 1.21 -13.15 1.33
C GLY C 68 2.36 -13.41 2.28
N ARG C 69 3.02 -12.36 2.77
CA ARG C 69 4.15 -12.47 3.70
C ARG C 69 3.67 -12.78 5.12
CA MET D 3 22.74 -6.76 27.91
C MET D 3 23.00 -5.34 28.45
N ASP D 4 21.91 -4.62 28.70
CA ASP D 4 21.98 -3.25 29.22
C ASP D 4 22.30 -3.24 30.70
N ASP D 5 23.27 -2.41 31.11
CA ASP D 5 23.43 -2.11 32.53
C ASP D 5 22.76 -0.77 32.85
N GLU D 6 22.74 -0.45 34.15
CA GLU D 6 22.16 0.81 34.62
C GLU D 6 22.75 2.02 33.90
N ASN D 7 24.04 2.00 33.56
CA ASN D 7 24.64 3.14 32.84
C ASN D 7 24.02 3.29 31.46
N ASP D 8 23.72 2.18 30.79
CA ASP D 8 23.10 2.23 29.48
C ASP D 8 21.68 2.78 29.58
N ARG D 9 20.92 2.30 30.56
CA ARG D 9 19.57 2.81 30.73
C ARG D 9 19.59 4.31 31.01
N ALA D 10 20.52 4.76 31.86
CA ALA D 10 20.60 6.18 32.15
C ALA D 10 20.99 6.97 30.91
N ALA D 11 21.95 6.46 30.14
CA ALA D 11 22.38 7.17 28.94
C ALA D 11 21.22 7.33 27.96
N ARG D 12 20.42 6.27 27.77
CA ARG D 12 19.26 6.35 26.91
C ARG D 12 18.21 7.32 27.46
N ALA D 13 17.91 7.22 28.77
CA ALA D 13 16.94 8.12 29.40
C ALA D 13 17.34 9.59 29.25
N LYS D 14 18.64 9.88 29.11
CA LYS D 14 19.12 11.24 28.92
C LYS D 14 18.96 11.73 27.49
N LYS D 15 18.60 10.87 26.53
CA LYS D 15 18.39 11.33 25.16
C LYS D 15 16.94 11.40 24.74
N GLY D 16 16.02 10.72 25.42
CA GLY D 16 14.63 10.72 25.00
C GLY D 16 13.71 10.12 26.03
N SER D 17 12.41 10.13 25.71
CA SER D 17 11.41 9.61 26.62
C SER D 17 10.57 8.55 25.92
N PRO D 18 10.28 7.43 26.58
CA PRO D 18 9.36 6.46 26.02
C PRO D 18 7.89 6.76 26.32
N PHE D 19 7.57 7.91 26.89
CA PHE D 19 6.24 8.14 27.40
C PHE D 19 5.47 9.13 26.53
N LEU D 20 4.18 8.88 26.38
CA LEU D 20 3.25 9.74 25.68
C LEU D 20 2.17 10.18 26.66
N ASN D 21 1.64 11.38 26.47
CA ASN D 21 0.44 11.77 27.20
C ASN D 21 -0.80 11.24 26.49
N THR D 22 -1.98 11.59 27.01
CA THR D 22 -3.21 11.04 26.48
C THR D 22 -3.48 11.53 25.07
N ALA D 23 -3.33 12.84 24.85
CA ALA D 23 -3.51 13.39 23.51
C ALA D 23 -2.63 12.65 22.49
N GLN D 24 -1.35 12.52 22.79
CA GLN D 24 -0.45 11.83 21.86
C GLN D 24 -0.86 10.37 21.71
N ALA D 25 -1.12 9.69 22.83
CA ALA D 25 -1.38 8.26 22.78
C ALA D 25 -2.65 7.96 22.01
N ALA D 26 -3.68 8.81 22.19
CA ALA D 26 -4.94 8.66 21.48
C ALA D 26 -4.73 8.81 19.97
N PHE D 27 -4.09 9.92 19.57
CA PHE D 27 -3.85 10.15 18.15
C PHE D 27 -3.11 8.99 17.51
N TYR D 28 -2.15 8.40 18.23
CA TYR D 28 -1.34 7.32 17.66
C TYR D 28 -2.17 6.07 17.45
N ILE D 29 -3.02 5.72 18.41
CA ILE D 29 -3.85 4.52 18.27
C ILE D 29 -5.12 4.82 17.49
N GLY D 30 -5.32 6.06 17.09
CA GLY D 30 -6.46 6.45 16.29
C GLY D 30 -7.78 6.42 17.02
N LEU D 31 -7.82 6.91 18.26
CA LEU D 31 -9.07 7.19 18.94
C LEU D 31 -9.08 8.66 19.32
N SER D 32 -10.26 9.16 19.71
CA SER D 32 -10.31 10.51 20.23
C SER D 32 -9.68 10.54 21.62
N GLN D 33 -9.27 11.75 22.03
CA GLN D 33 -8.73 11.89 23.37
C GLN D 33 -9.75 11.45 24.41
N ARG D 34 -11.00 11.94 24.28
CA ARG D 34 -12.07 11.56 25.20
C ARG D 34 -12.25 10.05 25.25
N THR D 35 -12.22 9.38 24.11
CA THR D 35 -12.40 7.95 24.11
C THR D 35 -11.34 7.27 24.97
N LEU D 36 -10.08 7.74 24.89
CA LEU D 36 -9.00 7.08 25.61
C LEU D 36 -9.12 7.31 27.11
N GLU D 37 -9.43 8.56 27.51
CA GLU D 37 -9.77 8.83 28.92
C GLU D 37 -10.84 7.87 29.43
N LYS D 38 -11.99 7.83 28.75
CA LYS D 38 -13.08 6.95 29.14
C LYS D 38 -12.58 5.56 29.49
N MET D 39 -11.69 5.00 28.67
CA MET D 39 -11.24 3.64 28.90
C MET D 39 -10.39 3.52 30.16
N ARG D 40 -9.87 4.63 30.68
CA ARG D 40 -9.15 4.54 31.94
C ARG D 40 -10.06 4.08 33.08
N LEU D 41 -11.37 4.25 32.93
CA LEU D 41 -12.32 3.85 33.96
C LEU D 41 -12.85 2.44 33.75
N THR D 42 -12.45 1.73 32.70
CA THR D 42 -13.16 0.53 32.30
C THR D 42 -12.41 -0.76 32.52
N GLY D 43 -11.09 -0.71 32.67
CA GLY D 43 -10.35 -1.95 32.62
C GLY D 43 -10.31 -2.60 31.25
N GLY D 44 -10.59 -1.85 30.19
CA GLY D 44 -10.37 -2.35 28.84
C GLY D 44 -9.07 -1.85 28.24
N GLY D 45 -8.79 -0.56 28.42
CA GLY D 45 -7.70 0.11 27.74
C GLY D 45 -6.31 -0.36 28.08
N PRO D 46 -5.32 0.35 27.55
CA PRO D 46 -3.92 -0.02 27.80
C PRO D 46 -3.48 0.39 29.19
N LYS D 47 -2.46 -0.30 29.70
CA LYS D 47 -1.83 0.09 30.95
C LYS D 47 -1.40 1.55 30.89
N TYR D 48 -1.45 2.23 32.01
CA TYR D 48 -0.88 3.57 32.08
C TYR D 48 -0.06 3.72 33.35
N ARG D 49 0.79 4.74 33.33
CA ARG D 49 1.59 5.14 34.49
C ARG D 49 0.97 6.42 35.05
N LYS D 50 0.97 6.52 36.38
CA LYS D 50 0.57 7.75 37.05
C LYS D 50 1.85 8.40 37.55
N HIS D 51 2.25 9.46 36.85
CA HIS D 51 3.43 10.23 37.20
C HIS D 51 2.95 11.43 38.01
N GLY D 52 2.71 11.17 39.29
CA GLY D 52 2.00 12.14 40.11
C GLY D 52 0.57 12.29 39.60
N ARG D 53 0.18 13.54 39.39
CA ARG D 53 -1.15 13.90 38.91
C ARG D 53 -1.39 13.55 37.44
N TYR D 54 -0.34 13.20 36.68
CA TYR D 54 -0.42 13.15 35.23
C TYR D 54 -0.33 11.73 34.71
N VAL D 55 -1.13 11.43 33.72
CA VAL D 55 -1.16 10.08 33.14
C VAL D 55 -0.16 10.07 31.99
N ARG D 56 0.58 8.97 31.90
CA ARG D 56 1.52 8.78 30.81
C ARG D 56 1.46 7.34 30.35
N TYR D 57 1.57 7.13 29.05
CA TYR D 57 1.55 5.81 28.45
C TYR D 57 2.95 5.49 27.92
N HIS D 58 3.50 4.37 28.36
CA HIS D 58 4.71 3.85 27.75
C HIS D 58 4.38 3.28 26.38
N ILE D 59 5.07 3.76 25.34
CA ILE D 59 4.80 3.34 23.97
C ILE D 59 4.76 1.82 23.85
N ASP D 60 5.67 1.11 24.54
CA ASP D 60 5.71 -0.33 24.39
C ASP D 60 4.50 -0.99 25.03
N GLU D 61 3.91 -0.37 26.04
CA GLU D 61 2.68 -0.92 26.59
C GLU D 61 1.49 -0.60 25.70
N LEU D 62 1.48 0.59 25.08
CA LEU D 62 0.52 0.90 24.03
C LEU D 62 0.53 -0.18 22.95
N ASP D 63 1.72 -0.55 22.45
CA ASP D 63 1.79 -1.54 21.39
C ASP D 63 1.39 -2.93 21.88
N ASP D 64 1.76 -3.30 23.11
CA ASP D 64 1.39 -4.62 23.63
C ASP D 64 -0.11 -4.76 23.75
N TRP D 65 -0.78 -3.70 24.19
CA TRP D 65 -2.23 -3.72 24.32
C TRP D 65 -2.90 -3.83 22.96
N SER D 66 -2.43 -3.07 21.97
CA SER D 66 -2.98 -3.14 20.63
C SER D 66 -2.79 -4.54 20.04
N LYS D 67 -1.58 -5.09 20.15
CA LYS D 67 -1.31 -6.42 19.64
C LYS D 67 -2.01 -7.52 20.42
N GLY D 68 -2.81 -7.19 21.43
CA GLY D 68 -3.51 -8.21 22.19
C GLY D 68 -2.65 -9.05 23.11
N ARG D 69 -1.37 -8.74 23.27
CA ARG D 69 -0.48 -9.42 24.22
C ARG D 69 -0.54 -10.95 24.13
CL CL E . 4.73 2.43 -45.36
C1 GOL F . -2.90 -7.49 -30.36
O1 GOL F . -4.08 -7.23 -31.10
C2 GOL F . -1.80 -8.05 -31.23
O2 GOL F . -1.75 -7.33 -32.46
C3 GOL F . -0.44 -8.05 -30.56
O3 GOL F . 0.57 -8.60 -31.40
CL CL G . -6.29 -9.39 -26.46
C1 GOL H . -13.89 -8.67 -9.37
O1 GOL H . -12.72 -8.98 -8.64
C2 GOL H . -14.67 -7.60 -8.54
O2 GOL H . -14.59 -7.87 -7.19
C3 GOL H . -13.94 -6.27 -8.84
O3 GOL H . -14.20 -5.43 -7.76
CL CL I . -15.88 -6.72 -2.47
C1 GOL J . -15.48 5.52 12.20
O1 GOL J . -15.99 6.81 12.41
C2 GOL J . -15.04 5.00 13.58
O2 GOL J . -14.30 3.81 13.50
C3 GOL J . -14.28 6.19 14.23
O3 GOL J . -13.18 6.49 13.39
CL CL K . 23.55 -2.87 36.20
#